data_3HQR
#
_entry.id   3HQR
#
_cell.length_a   39.379
_cell.length_b   68.798
_cell.length_c   72.221
_cell.angle_alpha   90.000
_cell.angle_beta   90.000
_cell.angle_gamma   90.000
#
_symmetry.space_group_name_H-M   'P 21 21 21'
#
loop_
_entity.id
_entity.type
_entity.pdbx_description
1 polymer 'Egl nine homolog 1'
2 polymer 'Hypoxia-inducible factor 1 alpha'
3 non-polymer 'MANGANESE (II) ION'
4 non-polymer N-OXALYLGLYCINE
5 water water
#
loop_
_entity_poly.entity_id
_entity_poly.type
_entity_poly.pdbx_seq_one_letter_code
_entity_poly.pdbx_strand_id
1 'polypeptide(L)'
;PNGQTKPLPALKLALEYIVPCMNKHGICVVDDFLGKETGQQIGDEVRALHDTGKFTDGQLVSQKSDSSKDIRGDKITWIE
GKEPGCETIGLLMSSMDDLIRHCNGKLGSYKINGRTKAMVACYPGNGTGYVRHVDNPNGDGRCVTCIYYLNKDWDAKVSG
GILRIFPEGKAQFADIEPKFDRLLFFWSDRRNPHEVQPAYATRYAITVWYFDADERAAAKVKYLTGEKGVRVELNKPSDS
VGKDVF
;
A
2 'polypeptide(L)' DLEMLAPYIPMDDDFQL S
#
loop_
_chem_comp.id
_chem_comp.type
_chem_comp.name
_chem_comp.formula
MN non-polymer 'MANGANESE (II) ION' 'Mn 2'
OGA non-polymer N-OXALYLGLYCINE 'C4 H5 N O5'
#
# COMPACT_ATOMS: atom_id res chain seq x y z
N GLN A 4 14.87 4.16 22.31
CA GLN A 4 13.58 3.45 22.15
C GLN A 4 13.50 2.72 20.81
N THR A 5 12.70 1.67 20.76
CA THR A 5 12.54 0.90 19.53
C THR A 5 11.85 1.77 18.50
N LYS A 6 11.87 1.31 17.26
CA LYS A 6 11.21 2.04 16.20
C LYS A 6 9.72 1.74 16.37
N PRO A 7 8.85 2.56 15.79
CA PRO A 7 9.20 3.76 15.01
C PRO A 7 9.32 4.99 15.90
N LEU A 8 9.63 6.12 15.26
CA LEU A 8 9.75 7.37 15.99
C LEU A 8 8.35 7.77 16.44
N PRO A 9 8.24 8.80 17.32
CA PRO A 9 6.88 9.16 17.74
C PRO A 9 6.13 9.54 16.47
N ALA A 10 4.91 9.04 16.31
CA ALA A 10 4.15 9.35 15.13
C ALA A 10 3.78 10.82 15.05
N LEU A 11 3.46 11.43 16.19
CA LEU A 11 3.07 12.82 16.18
C LEU A 11 4.10 13.69 15.48
N LYS A 12 5.34 13.55 15.90
CA LYS A 12 6.42 14.32 15.33
C LYS A 12 6.61 14.00 13.84
N LEU A 13 6.75 12.72 13.53
CA LEU A 13 6.94 12.28 12.16
C LEU A 13 5.84 12.71 11.23
N ALA A 14 4.60 12.51 11.66
CA ALA A 14 3.44 12.86 10.87
C ALA A 14 3.30 14.37 10.65
N LEU A 15 3.28 15.12 11.75
CA LEU A 15 3.11 16.57 11.65
C LEU A 15 4.32 17.31 11.07
N GLU A 16 5.52 16.80 11.32
CA GLU A 16 6.70 17.49 10.84
C GLU A 16 7.26 16.90 9.56
N TYR A 17 6.71 15.78 9.12
CA TYR A 17 7.20 15.17 7.89
C TYR A 17 6.12 14.68 6.93
N ILE A 18 5.44 13.60 7.32
CA ILE A 18 4.40 13.02 6.48
C ILE A 18 3.41 14.06 5.99
N VAL A 19 2.80 14.79 6.93
CA VAL A 19 1.84 15.80 6.54
C VAL A 19 2.42 16.78 5.54
N PRO A 20 3.40 17.60 5.97
CA PRO A 20 3.94 18.53 4.99
C PRO A 20 4.41 17.81 3.73
N CYS A 21 5.09 16.70 3.90
CA CYS A 21 5.57 15.94 2.74
C CYS A 21 4.43 15.52 1.81
N MET A 22 3.37 15.00 2.40
CA MET A 22 2.21 14.55 1.63
C MET A 22 1.50 15.68 0.93
N ASN A 23 1.27 16.78 1.63
CA ASN A 23 0.58 17.90 1.00
C ASN A 23 1.41 18.50 -0.12
N LYS A 24 2.72 18.54 0.06
CA LYS A 24 3.58 19.11 -0.96
C LYS A 24 3.89 18.16 -2.11
N HIS A 25 4.13 16.89 -1.80
CA HIS A 25 4.48 15.94 -2.84
C HIS A 25 3.49 14.84 -3.12
N GLY A 26 2.71 14.48 -2.10
CA GLY A 26 1.73 13.42 -2.27
C GLY A 26 2.40 12.06 -2.23
N ILE A 27 3.71 12.07 -2.09
CA ILE A 27 4.50 10.84 -2.00
C ILE A 27 5.43 11.04 -0.84
N CYS A 28 5.41 10.10 0.09
CA CYS A 28 6.24 10.21 1.26
C CYS A 28 6.85 8.92 1.70
N VAL A 29 8.18 8.93 1.80
CA VAL A 29 8.93 7.76 2.19
C VAL A 29 9.52 7.91 3.58
N VAL A 30 9.33 6.89 4.39
CA VAL A 30 9.91 6.88 5.72
C VAL A 30 10.73 5.62 5.77
N ASP A 31 12.05 5.78 5.78
CA ASP A 31 12.91 4.60 5.83
C ASP A 31 13.12 4.17 7.27
N ASP A 32 13.53 2.92 7.45
CA ASP A 32 13.79 2.37 8.77
C ASP A 32 12.59 2.65 9.67
N PHE A 33 11.40 2.43 9.12
CA PHE A 33 10.19 2.70 9.85
C PHE A 33 10.09 1.99 11.18
N LEU A 34 10.37 0.69 11.18
CA LEU A 34 10.27 -0.10 12.37
C LEU A 34 11.59 -0.66 12.86
N GLY A 35 12.64 -0.53 12.05
CA GLY A 35 13.93 -1.03 12.46
C GLY A 35 14.12 -2.49 12.06
N LYS A 36 15.37 -2.91 12.02
CA LYS A 36 15.74 -4.28 11.66
C LYS A 36 14.98 -5.38 12.38
N GLU A 37 14.94 -5.33 13.72
CA GLU A 37 14.27 -6.38 14.50
C GLU A 37 12.85 -6.62 14.01
N THR A 38 12.03 -5.58 14.09
CA THR A 38 10.65 -5.68 13.68
C THR A 38 10.47 -5.96 12.20
N GLY A 39 11.22 -5.23 11.38
CA GLY A 39 11.12 -5.45 9.95
C GLY A 39 11.37 -6.91 9.66
N GLN A 40 12.33 -7.50 10.36
CA GLN A 40 12.67 -8.92 10.20
C GLN A 40 11.51 -9.81 10.61
N GLN A 41 10.97 -9.51 11.77
CA GLN A 41 9.85 -10.27 12.31
C GLN A 41 8.69 -10.29 11.36
N ILE A 42 8.34 -9.12 10.82
CA ILE A 42 7.22 -9.11 9.91
C ILE A 42 7.62 -9.80 8.62
N GLY A 43 8.86 -9.61 8.19
CA GLY A 43 9.30 -10.27 6.98
C GLY A 43 9.23 -11.77 7.20
N ASP A 44 9.31 -12.21 8.45
CA ASP A 44 9.23 -13.63 8.73
C ASP A 44 7.80 -14.10 8.79
N GLU A 45 6.93 -13.24 9.30
CA GLU A 45 5.51 -13.56 9.38
C GLU A 45 4.94 -13.61 7.99
N VAL A 46 5.46 -12.73 7.14
CA VAL A 46 4.99 -12.66 5.76
C VAL A 46 5.47 -13.87 4.97
N ARG A 47 6.73 -14.25 5.15
CA ARG A 47 7.22 -15.42 4.44
C ARG A 47 6.49 -16.65 5.00
N ALA A 48 6.25 -16.67 6.30
CA ALA A 48 5.52 -17.80 6.91
C ALA A 48 4.14 -17.84 6.25
N LEU A 49 3.49 -16.69 6.20
CA LEU A 49 2.18 -16.60 5.57
C LEU A 49 2.27 -17.05 4.12
N HIS A 50 3.33 -16.63 3.45
CA HIS A 50 3.49 -17.02 2.07
C HIS A 50 3.64 -18.53 1.94
N ASP A 51 4.36 -19.12 2.88
CA ASP A 51 4.60 -20.57 2.86
C ASP A 51 3.35 -21.39 3.13
N THR A 52 2.29 -20.73 3.58
CA THR A 52 1.05 -21.45 3.81
C THR A 52 0.49 -21.71 2.42
N GLY A 53 1.11 -21.05 1.43
CA GLY A 53 0.69 -21.20 0.04
C GLY A 53 -0.67 -20.57 -0.19
N LYS A 54 -1.15 -19.91 0.85
CA LYS A 54 -2.47 -19.28 0.85
C LYS A 54 -2.65 -18.08 -0.05
N PHE A 55 -1.58 -17.31 -0.27
CA PHE A 55 -1.69 -16.13 -1.11
C PHE A 55 -2.47 -16.41 -2.37
N THR A 56 -3.10 -15.36 -2.89
CA THR A 56 -3.91 -15.45 -4.08
C THR A 56 -3.54 -14.35 -5.05
N ASP A 57 -3.54 -14.67 -6.35
CA ASP A 57 -3.20 -13.68 -7.36
C ASP A 57 -3.88 -12.35 -7.03
N GLY A 58 -3.15 -11.25 -7.22
CA GLY A 58 -3.72 -9.95 -6.96
C GLY A 58 -4.89 -9.67 -7.87
N GLN A 59 -5.94 -9.10 -7.33
CA GLN A 59 -7.13 -8.80 -8.13
C GLN A 59 -7.33 -7.30 -8.34
N LEU A 60 -8.11 -6.97 -9.35
CA LEU A 60 -8.38 -5.59 -9.71
C LEU A 60 -9.78 -5.18 -9.31
N VAL A 61 -9.97 -3.89 -9.11
CA VAL A 61 -11.27 -3.37 -8.74
C VAL A 61 -12.34 -3.90 -9.70
N SER A 62 -12.13 -3.64 -10.98
CA SER A 62 -13.05 -4.06 -12.02
C SER A 62 -12.24 -4.91 -12.97
N GLN A 63 -12.20 -6.20 -12.69
CA GLN A 63 -11.43 -7.16 -13.48
C GLN A 63 -11.58 -7.08 -15.00
N LYS A 64 -10.46 -7.20 -15.71
CA LYS A 64 -10.53 -7.23 -17.17
C LYS A 64 -9.27 -7.77 -17.85
N SER A 65 -9.29 -7.80 -19.18
CA SER A 65 -8.18 -8.33 -19.96
C SER A 65 -8.14 -9.82 -19.62
N ASP A 66 -7.69 -10.67 -20.56
CA ASP A 66 -7.64 -12.12 -20.34
C ASP A 66 -7.61 -12.44 -18.86
N SER A 67 -6.49 -12.11 -18.24
CA SER A 67 -6.25 -12.38 -16.82
C SER A 67 -5.79 -11.18 -16.01
N SER A 68 -6.00 -11.28 -14.70
CA SER A 68 -5.61 -10.25 -13.76
C SER A 68 -4.09 -10.23 -13.75
N LYS A 69 -3.49 -11.37 -14.10
CA LYS A 69 -2.05 -11.48 -14.14
C LYS A 69 -1.49 -10.58 -15.24
N ASP A 70 -2.37 -10.10 -16.11
CA ASP A 70 -1.94 -9.22 -17.19
C ASP A 70 -1.70 -7.82 -16.63
N ILE A 71 -2.31 -7.56 -15.47
CA ILE A 71 -2.23 -6.27 -14.82
C ILE A 71 -1.25 -6.32 -13.64
N ARG A 72 -1.49 -7.26 -12.73
CA ARG A 72 -0.63 -7.40 -11.58
C ARG A 72 -0.19 -8.84 -11.38
N GLY A 73 1.11 -9.03 -11.18
CA GLY A 73 1.65 -10.36 -11.02
C GLY A 73 2.04 -10.74 -9.62
N ASP A 74 1.44 -10.08 -8.63
CA ASP A 74 1.73 -10.43 -7.25
C ASP A 74 0.71 -11.42 -6.72
N LYS A 75 1.10 -12.12 -5.66
CA LYS A 75 0.23 -13.07 -4.95
C LYS A 75 0.05 -12.31 -3.65
N ILE A 76 -1.14 -12.34 -3.08
CA ILE A 76 -1.38 -11.55 -1.88
C ILE A 76 -2.26 -12.26 -0.86
N THR A 77 -2.38 -11.64 0.30
CA THR A 77 -3.24 -12.14 1.35
C THR A 77 -3.58 -10.95 2.22
N TRP A 78 -4.78 -10.95 2.78
CA TRP A 78 -5.18 -9.85 3.62
C TRP A 78 -5.04 -10.22 5.07
N ILE A 79 -4.55 -9.28 5.87
CA ILE A 79 -4.36 -9.51 7.29
C ILE A 79 -5.01 -8.38 8.04
N GLU A 80 -5.75 -8.72 9.08
CA GLU A 80 -6.40 -7.72 9.91
C GLU A 80 -5.35 -7.32 10.91
N GLY A 81 -4.38 -8.21 11.07
CA GLY A 81 -3.28 -7.95 11.99
C GLY A 81 -3.35 -8.62 13.35
N LYS A 82 -4.44 -9.33 13.64
CA LYS A 82 -4.54 -9.99 14.93
C LYS A 82 -4.49 -11.49 14.81
N GLU A 83 -4.17 -11.96 13.61
CA GLU A 83 -4.06 -13.38 13.37
C GLU A 83 -2.83 -13.90 14.08
N PRO A 84 -2.89 -15.14 14.59
CA PRO A 84 -1.68 -15.60 15.24
C PRO A 84 -0.62 -15.81 14.15
N GLY A 85 0.60 -15.35 14.39
CA GLY A 85 1.66 -15.48 13.41
C GLY A 85 1.78 -14.25 12.55
N CYS A 86 0.96 -13.24 12.88
CA CYS A 86 0.95 -11.98 12.14
C CYS A 86 0.82 -10.84 13.15
N GLU A 87 1.21 -11.09 14.39
CA GLU A 87 1.11 -10.07 15.41
C GLU A 87 2.02 -8.90 15.10
N THR A 88 3.15 -9.15 14.43
CA THR A 88 4.05 -8.06 14.11
C THR A 88 3.55 -7.27 12.91
N ILE A 89 2.77 -7.92 12.06
CA ILE A 89 2.20 -7.22 10.93
C ILE A 89 1.13 -6.34 11.56
N GLY A 90 0.48 -6.88 12.58
CA GLY A 90 -0.51 -6.10 13.29
C GLY A 90 0.21 -4.88 13.82
N LEU A 91 1.40 -5.11 14.38
CA LEU A 91 2.21 -4.03 14.93
C LEU A 91 2.46 -2.97 13.86
N LEU A 92 2.87 -3.42 12.67
CA LEU A 92 3.12 -2.53 11.56
C LEU A 92 1.87 -1.72 11.28
N MET A 93 0.77 -2.43 11.10
CA MET A 93 -0.52 -1.82 10.82
C MET A 93 -0.90 -0.79 11.85
N SER A 94 -0.66 -1.08 13.13
CA SER A 94 -0.99 -0.14 14.18
C SER A 94 -0.07 1.07 14.14
N SER A 95 1.17 0.85 13.68
CA SER A 95 2.12 1.94 13.59
C SER A 95 1.70 2.85 12.46
N MET A 96 1.34 2.24 11.32
CA MET A 96 0.87 2.98 10.17
C MET A 96 -0.34 3.78 10.62
N ASP A 97 -1.27 3.12 11.31
CA ASP A 97 -2.48 3.76 11.81
C ASP A 97 -2.16 4.94 12.72
N ASP A 98 -1.15 4.78 13.57
CA ASP A 98 -0.74 5.84 14.49
C ASP A 98 -0.27 7.08 13.72
N LEU A 99 0.49 6.85 12.64
CA LEU A 99 0.99 7.95 11.83
C LEU A 99 -0.18 8.68 11.17
N ILE A 100 -1.07 7.92 10.56
CA ILE A 100 -2.22 8.51 9.92
C ILE A 100 -3.06 9.26 10.96
N ARG A 101 -3.25 8.66 12.13
CA ARG A 101 -4.03 9.32 13.16
C ARG A 101 -3.42 10.66 13.53
N HIS A 102 -2.10 10.68 13.67
CA HIS A 102 -1.43 11.91 14.04
C HIS A 102 -1.31 12.96 12.96
N CYS A 103 -1.74 12.63 11.76
CA CYS A 103 -1.71 13.60 10.68
C CYS A 103 -2.97 14.44 10.85
N ASN A 104 -3.72 14.15 11.91
CA ASN A 104 -4.98 14.82 12.22
C ASN A 104 -5.79 14.94 10.94
N GLY A 105 -6.32 16.13 10.66
CA GLY A 105 -7.07 16.29 9.43
C GLY A 105 -6.25 17.01 8.38
N LYS A 106 -4.93 16.92 8.47
CA LYS A 106 -4.13 17.62 7.50
C LYS A 106 -3.58 16.85 6.30
N LEU A 107 -4.13 15.67 6.06
CA LEU A 107 -3.72 14.91 4.89
C LEU A 107 -4.71 15.33 3.83
N GLY A 108 -4.35 16.34 3.06
CA GLY A 108 -5.25 16.82 2.03
C GLY A 108 -6.54 17.35 2.66
N SER A 109 -7.66 17.04 2.02
CA SER A 109 -8.96 17.48 2.50
C SER A 109 -9.60 16.25 3.15
N TYR A 110 -8.78 15.24 3.36
CA TYR A 110 -9.21 13.96 3.88
C TYR A 110 -9.46 13.79 5.36
N LYS A 111 -10.53 13.06 5.66
CA LYS A 111 -10.86 12.74 7.05
C LYS A 111 -10.66 11.23 7.06
N ILE A 112 -9.48 10.79 7.44
CA ILE A 112 -9.21 9.36 7.47
C ILE A 112 -9.88 8.78 8.71
N ASN A 113 -10.84 7.89 8.48
CA ASN A 113 -11.59 7.27 9.56
C ASN A 113 -11.50 5.76 9.48
N GLY A 114 -10.75 5.26 8.52
CA GLY A 114 -10.62 3.83 8.38
C GLY A 114 -9.63 3.45 7.31
N ARG A 115 -9.36 2.15 7.24
CA ARG A 115 -8.41 1.63 6.26
C ARG A 115 -8.79 0.19 5.92
N THR A 116 -8.12 -0.35 4.91
CA THR A 116 -8.35 -1.73 4.52
C THR A 116 -7.52 -2.58 5.46
N LYS A 117 -7.71 -3.89 5.37
CA LYS A 117 -6.86 -4.80 6.12
C LYS A 117 -5.55 -4.62 5.37
N ALA A 118 -4.47 -5.15 5.92
CA ALA A 118 -3.19 -5.04 5.26
C ALA A 118 -3.20 -5.99 4.09
N MET A 119 -2.71 -5.53 2.96
CA MET A 119 -2.62 -6.38 1.79
C MET A 119 -1.17 -6.83 1.79
N VAL A 120 -0.92 -8.06 2.21
CA VAL A 120 0.44 -8.54 2.20
C VAL A 120 0.64 -9.00 0.79
N ALA A 121 1.55 -8.33 0.08
CA ALA A 121 1.77 -8.68 -1.31
C ALA A 121 3.13 -9.27 -1.54
N CYS A 122 3.20 -10.07 -2.59
CA CYS A 122 4.44 -10.68 -2.93
C CYS A 122 4.52 -10.89 -4.41
N TYR A 123 5.56 -10.35 -5.02
CA TYR A 123 5.78 -10.58 -6.43
C TYR A 123 6.78 -11.72 -6.37
N PRO A 124 6.33 -12.95 -6.68
CA PRO A 124 7.19 -14.13 -6.66
C PRO A 124 8.62 -13.90 -7.13
N GLY A 125 8.85 -12.85 -7.90
CA GLY A 125 10.20 -12.55 -8.36
C GLY A 125 10.51 -13.16 -9.71
N ASN A 126 9.46 -13.50 -10.46
CA ASN A 126 9.65 -14.10 -11.77
C ASN A 126 9.39 -13.12 -12.87
N GLY A 127 9.66 -11.85 -12.61
CA GLY A 127 9.47 -10.84 -13.62
C GLY A 127 8.07 -10.27 -13.56
N THR A 128 7.31 -10.63 -12.53
CA THR A 128 5.97 -10.09 -12.44
C THR A 128 6.06 -8.69 -11.84
N GLY A 129 5.05 -7.89 -12.13
CA GLY A 129 5.01 -6.54 -11.60
C GLY A 129 3.58 -6.11 -11.55
N TYR A 130 3.37 -4.81 -11.63
CA TYR A 130 2.02 -4.28 -11.61
C TYR A 130 2.03 -3.18 -12.65
N VAL A 131 1.28 -3.32 -13.72
CA VAL A 131 1.29 -2.29 -14.74
C VAL A 131 0.94 -0.99 -14.06
N ARG A 132 1.19 0.10 -14.78
CA ARG A 132 0.89 1.42 -14.28
C ARG A 132 -0.59 1.53 -14.00
N HIS A 133 -0.91 2.03 -12.81
CA HIS A 133 -2.30 2.13 -12.43
C HIS A 133 -2.47 3.18 -11.36
N VAL A 134 -3.71 3.46 -11.03
CA VAL A 134 -4.02 4.39 -9.97
C VAL A 134 -4.74 3.50 -8.99
N ASP A 135 -4.31 3.50 -7.74
CA ASP A 135 -4.97 2.66 -6.76
C ASP A 135 -6.45 2.95 -6.70
N ASN A 136 -6.80 4.22 -6.65
CA ASN A 136 -8.19 4.63 -6.59
C ASN A 136 -8.54 5.69 -7.64
N PRO A 137 -8.77 5.27 -8.90
CA PRO A 137 -9.10 6.19 -9.99
C PRO A 137 -10.56 6.63 -10.05
N ASN A 138 -11.44 5.83 -9.46
CA ASN A 138 -12.86 6.11 -9.49
C ASN A 138 -13.49 6.69 -8.22
N GLY A 139 -12.71 6.78 -7.14
CA GLY A 139 -13.26 7.31 -5.91
C GLY A 139 -13.88 6.20 -5.06
N ASP A 140 -13.09 5.18 -4.76
CA ASP A 140 -13.55 4.06 -3.94
C ASP A 140 -13.33 4.34 -2.48
N GLY A 141 -12.87 5.56 -2.17
CA GLY A 141 -12.64 5.96 -0.79
C GLY A 141 -11.19 5.99 -0.37
N ARG A 142 -10.33 5.30 -1.13
CA ARG A 142 -8.91 5.27 -0.80
C ARG A 142 -8.25 6.59 -1.11
N CYS A 143 -7.74 7.24 -0.07
CA CYS A 143 -7.09 8.52 -0.24
C CYS A 143 -5.60 8.38 -0.06
N VAL A 144 -5.20 7.52 0.86
CA VAL A 144 -3.78 7.31 1.09
C VAL A 144 -3.38 5.85 0.96
N THR A 145 -2.33 5.62 0.20
CA THR A 145 -1.82 4.29 0.04
C THR A 145 -0.63 4.27 0.96
N CYS A 146 -0.54 3.24 1.78
CA CYS A 146 0.59 3.13 2.67
C CYS A 146 1.22 1.79 2.41
N ILE A 147 2.50 1.79 2.11
CA ILE A 147 3.17 0.55 1.83
C ILE A 147 4.39 0.38 2.69
N TYR A 148 4.59 -0.84 3.15
CA TYR A 148 5.73 -1.18 3.96
C TYR A 148 6.50 -2.24 3.18
N TYR A 149 7.76 -1.97 2.86
CA TYR A 149 8.55 -2.93 2.11
C TYR A 149 9.34 -3.82 3.05
N LEU A 150 9.60 -5.05 2.63
CA LEU A 150 10.29 -6.03 3.49
C LEU A 150 11.47 -6.63 2.77
N ASN A 151 11.95 -5.95 1.75
CA ASN A 151 13.01 -6.51 0.95
C ASN A 151 14.42 -6.09 1.29
N LYS A 152 15.07 -6.98 2.05
CA LYS A 152 16.43 -6.80 2.49
C LYS A 152 17.37 -6.61 1.31
N ASP A 153 18.31 -5.69 1.46
CA ASP A 153 19.31 -5.44 0.42
C ASP A 153 18.72 -5.52 -0.98
N TRP A 154 17.58 -4.88 -1.19
CA TRP A 154 16.98 -4.92 -2.51
C TRP A 154 17.68 -3.98 -3.47
N ASP A 155 18.19 -4.55 -4.56
CA ASP A 155 18.89 -3.77 -5.56
C ASP A 155 18.11 -3.89 -6.84
N ALA A 156 17.31 -2.86 -7.13
CA ALA A 156 16.46 -2.86 -8.31
C ALA A 156 17.25 -2.99 -9.62
N LYS A 157 18.49 -2.53 -9.61
CA LYS A 157 19.32 -2.62 -10.78
C LYS A 157 19.43 -4.10 -11.12
N VAL A 158 19.32 -4.92 -10.09
CA VAL A 158 19.42 -6.36 -10.26
C VAL A 158 18.06 -7.07 -10.23
N SER A 159 17.29 -6.80 -9.20
CA SER A 159 16.00 -7.45 -9.02
C SER A 159 14.80 -6.64 -9.47
N GLY A 160 15.03 -5.47 -10.06
CA GLY A 160 13.93 -4.63 -10.51
C GLY A 160 13.01 -4.32 -9.35
N GLY A 161 11.71 -4.54 -9.55
CA GLY A 161 10.75 -4.31 -8.50
C GLY A 161 10.57 -2.89 -8.04
N ILE A 162 11.07 -1.94 -8.82
CA ILE A 162 10.92 -0.55 -8.47
C ILE A 162 9.46 -0.14 -8.53
N LEU A 163 9.03 0.60 -7.53
CA LEU A 163 7.69 1.13 -7.57
C LEU A 163 7.91 2.48 -8.23
N ARG A 164 7.43 2.64 -9.46
CA ARG A 164 7.59 3.90 -10.13
C ARG A 164 6.28 4.65 -10.01
N ILE A 165 6.36 5.87 -9.46
CA ILE A 165 5.19 6.70 -9.27
C ILE A 165 5.30 7.89 -10.20
N PHE A 166 4.20 8.22 -10.86
CA PHE A 166 4.20 9.34 -11.78
C PHE A 166 3.30 10.41 -11.24
N PRO A 167 3.81 11.23 -10.31
CA PRO A 167 3.07 12.31 -9.68
C PRO A 167 2.38 13.09 -10.78
N GLU A 168 1.07 13.27 -10.64
CA GLU A 168 0.30 13.97 -11.64
C GLU A 168 0.83 15.36 -11.95
N GLY A 169 0.83 15.70 -13.23
CA GLY A 169 1.29 17.01 -13.68
C GLY A 169 2.79 17.14 -13.90
N LYS A 170 3.56 16.14 -13.49
CA LYS A 170 4.99 16.23 -13.68
C LYS A 170 5.45 15.30 -14.80
N ALA A 171 6.63 15.57 -15.35
CA ALA A 171 7.17 14.72 -16.41
C ALA A 171 8.30 13.91 -15.82
N GLN A 172 8.44 14.00 -14.49
CA GLN A 172 9.46 13.24 -13.77
C GLN A 172 8.73 12.29 -12.84
N PHE A 173 9.19 11.05 -12.82
CA PHE A 173 8.58 10.02 -12.00
C PHE A 173 9.50 9.69 -10.84
N ALA A 174 8.93 9.19 -9.76
CA ALA A 174 9.73 8.82 -8.60
C ALA A 174 9.97 7.30 -8.59
N ASP A 175 11.21 6.89 -8.37
CA ASP A 175 11.52 5.47 -8.31
C ASP A 175 11.73 5.05 -6.88
N ILE A 176 10.75 4.38 -6.32
CA ILE A 176 10.83 3.95 -4.94
C ILE A 176 11.27 2.49 -4.89
N GLU A 177 12.42 2.25 -4.28
CA GLU A 177 12.91 0.88 -4.15
C GLU A 177 12.11 0.21 -3.07
N PRO A 178 11.75 -1.06 -3.29
CA PRO A 178 10.97 -1.82 -2.32
C PRO A 178 11.89 -2.28 -1.19
N LYS A 179 12.68 -1.36 -0.67
CA LYS A 179 13.63 -1.69 0.37
C LYS A 179 13.07 -1.92 1.77
N PHE A 180 13.70 -2.88 2.43
CA PHE A 180 13.37 -3.31 3.77
C PHE A 180 13.10 -2.20 4.76
N ASP A 181 12.04 -2.34 5.53
CA ASP A 181 11.69 -1.37 6.55
C ASP A 181 11.30 -0.01 6.01
N ARG A 182 11.10 0.08 4.70
CA ARG A 182 10.70 1.34 4.09
C ARG A 182 9.19 1.48 4.17
N LEU A 183 8.72 2.64 4.61
CA LEU A 183 7.30 2.88 4.67
C LEU A 183 7.05 3.89 3.58
N LEU A 184 6.02 3.66 2.79
CA LEU A 184 5.67 4.56 1.73
C LEU A 184 4.24 5.04 1.86
N PHE A 185 4.05 6.33 1.59
CA PHE A 185 2.76 6.97 1.64
C PHE A 185 2.62 7.76 0.35
N PHE A 186 1.45 7.68 -0.27
CA PHE A 186 1.18 8.46 -1.45
C PHE A 186 -0.30 8.47 -1.69
N TRP A 187 -0.79 9.58 -2.25
CA TRP A 187 -2.20 9.73 -2.55
C TRP A 187 -2.60 8.56 -3.41
N SER A 188 -3.69 7.90 -3.02
CA SER A 188 -4.19 6.75 -3.76
C SER A 188 -4.88 7.14 -5.06
N ASP A 189 -5.41 8.36 -5.13
CA ASP A 189 -6.12 8.79 -6.33
C ASP A 189 -5.27 9.04 -7.57
N ARG A 190 -5.86 9.68 -8.57
CA ARG A 190 -5.20 9.95 -9.84
C ARG A 190 -3.92 10.72 -9.81
N ARG A 191 -3.63 11.36 -8.69
CA ARG A 191 -2.40 12.12 -8.60
C ARG A 191 -1.17 11.25 -8.66
N ASN A 192 -1.31 10.00 -8.26
CA ASN A 192 -0.19 9.08 -8.24
C ASN A 192 -0.28 7.80 -9.02
N PRO A 193 -0.24 7.89 -10.35
CA PRO A 193 -0.28 6.64 -11.11
C PRO A 193 1.05 6.01 -10.74
N HIS A 194 1.12 4.69 -10.74
CA HIS A 194 2.38 4.05 -10.42
C HIS A 194 2.36 2.64 -10.92
N GLU A 195 3.53 2.05 -10.95
CA GLU A 195 3.68 0.70 -11.42
C GLU A 195 4.75 0.05 -10.60
N VAL A 196 4.66 -1.26 -10.49
CA VAL A 196 5.67 -2.02 -9.79
C VAL A 196 6.38 -2.59 -10.99
N GLN A 197 7.61 -2.16 -11.21
CA GLN A 197 8.36 -2.65 -12.33
C GLN A 197 8.68 -4.12 -12.09
N PRO A 198 8.84 -4.90 -13.16
CA PRO A 198 9.14 -6.32 -13.04
C PRO A 198 10.10 -6.62 -11.90
N ALA A 199 9.67 -7.49 -10.99
CA ALA A 199 10.50 -7.87 -9.86
C ALA A 199 11.10 -9.21 -10.24
N TYR A 200 12.43 -9.28 -10.20
CA TYR A 200 13.14 -10.49 -10.56
C TYR A 200 13.62 -11.24 -9.34
N ALA A 201 13.02 -10.93 -8.21
CA ALA A 201 13.32 -11.58 -6.97
C ALA A 201 12.06 -11.42 -6.14
N THR A 202 11.87 -12.28 -5.15
CA THR A 202 10.69 -12.20 -4.34
C THR A 202 10.62 -10.82 -3.68
N ARG A 203 9.52 -10.14 -3.94
CA ARG A 203 9.31 -8.79 -3.47
C ARG A 203 8.10 -8.74 -2.56
N TYR A 204 8.35 -8.49 -1.28
CA TYR A 204 7.31 -8.41 -0.28
C TYR A 204 7.00 -6.99 0.09
N ALA A 205 5.71 -6.72 0.21
CA ALA A 205 5.25 -5.40 0.59
C ALA A 205 3.95 -5.58 1.30
N ILE A 206 3.70 -4.72 2.27
CA ILE A 206 2.45 -4.75 3.00
C ILE A 206 1.80 -3.40 2.77
N THR A 207 0.64 -3.45 2.11
CA THR A 207 -0.10 -2.26 1.78
C THR A 207 -1.39 -2.12 2.58
N VAL A 208 -1.66 -0.91 2.99
CA VAL A 208 -2.91 -0.62 3.64
C VAL A 208 -3.37 0.65 2.96
N TRP A 209 -4.65 0.76 2.70
CA TRP A 209 -5.15 1.95 2.08
C TRP A 209 -6.04 2.63 3.08
N TYR A 210 -5.79 3.90 3.30
CA TYR A 210 -6.60 4.66 4.24
C TYR A 210 -7.75 5.24 3.48
N PHE A 211 -8.89 5.32 4.15
CA PHE A 211 -10.11 5.82 3.54
C PHE A 211 -10.51 7.18 4.05
N ASP A 212 -11.01 8.02 3.15
CA ASP A 212 -11.51 9.32 3.54
C ASP A 212 -12.97 9.01 3.86
N ALA A 213 -13.40 9.36 5.07
CA ALA A 213 -14.77 9.10 5.52
C ALA A 213 -15.83 9.28 4.44
N ASP A 214 -16.04 10.53 4.02
CA ASP A 214 -17.04 10.86 3.02
C ASP A 214 -16.93 10.09 1.71
N GLU A 215 -15.78 10.16 1.05
CA GLU A 215 -15.63 9.44 -0.20
C GLU A 215 -15.82 7.94 -0.05
N ARG A 216 -15.40 7.40 1.08
CA ARG A 216 -15.53 5.97 1.34
C ARG A 216 -17.00 5.65 1.54
N ALA A 217 -17.66 6.44 2.39
CA ALA A 217 -19.08 6.26 2.65
C ALA A 217 -19.83 6.28 1.32
N ALA A 218 -19.45 7.20 0.44
CA ALA A 218 -20.09 7.31 -0.87
C ALA A 218 -19.59 6.22 -1.81
N ALA A 219 -18.40 5.70 -1.54
CA ALA A 219 -17.85 4.63 -2.36
C ALA A 219 -18.69 3.39 -2.13
N LYS A 220 -18.88 3.04 -0.86
CA LYS A 220 -19.66 1.86 -0.50
C LYS A 220 -21.09 1.92 -1.03
N VAL A 221 -21.75 3.07 -0.86
CA VAL A 221 -23.13 3.23 -1.32
C VAL A 221 -23.24 3.08 -2.83
N LYS A 222 -22.31 3.69 -3.55
CA LYS A 222 -22.29 3.63 -5.01
C LYS A 222 -21.90 2.24 -5.51
N TYR A 223 -21.10 1.54 -4.71
CA TYR A 223 -20.66 0.18 -5.02
C TYR A 223 -21.90 -0.69 -5.11
N LEU A 224 -22.79 -0.49 -4.14
CA LEU A 224 -24.02 -1.27 -4.04
C LEU A 224 -24.86 -1.18 -5.30
N THR A 225 -24.94 0.01 -5.85
CA THR A 225 -25.75 0.22 -7.02
C THR A 225 -24.94 0.10 -8.30
N GLY A 226 -25.69 -0.04 -9.36
CA GLY A 226 -25.12 -0.05 -10.67
C GLY A 226 -26.04 1.01 -11.21
N GLU A 227 -25.48 2.06 -11.80
CA GLU A 227 -26.34 3.09 -12.34
C GLU A 227 -25.94 3.40 -13.76
N LYS A 228 -26.95 3.63 -14.58
CA LYS A 228 -26.75 3.95 -15.99
C LYS A 228 -27.91 4.84 -16.45
N ASP B 1 -11.02 0.97 -18.04
CA ASP B 1 -9.64 1.51 -18.21
C ASP B 1 -8.89 1.49 -16.87
N LEU B 2 -8.66 2.66 -16.27
CA LEU B 2 -7.98 2.70 -14.98
C LEU B 2 -8.66 1.82 -13.96
N GLU B 3 -9.99 1.77 -14.04
CA GLU B 3 -10.77 0.98 -13.10
C GLU B 3 -10.30 -0.47 -13.11
N MET B 4 -9.97 -0.97 -14.30
CA MET B 4 -9.53 -2.35 -14.45
C MET B 4 -8.09 -2.60 -14.03
N LEU B 5 -7.36 -1.54 -13.71
CA LEU B 5 -5.96 -1.69 -13.31
C LEU B 5 -5.81 -1.50 -11.82
N ALA B 6 -6.71 -0.72 -11.23
CA ALA B 6 -6.66 -0.43 -9.81
C ALA B 6 -6.69 -1.68 -8.93
N PRO B 7 -5.84 -1.71 -7.89
CA PRO B 7 -5.74 -2.82 -6.94
C PRO B 7 -7.05 -3.07 -6.20
N TYR B 8 -7.61 -4.24 -6.42
CA TYR B 8 -8.86 -4.60 -5.78
C TYR B 8 -8.83 -4.48 -4.25
N ILE B 9 -9.93 -4.03 -3.67
CA ILE B 9 -10.02 -3.98 -2.22
C ILE B 9 -11.43 -4.32 -1.79
N PRO B 10 -11.57 -4.95 -0.63
CA PRO B 10 -12.93 -5.29 -0.21
C PRO B 10 -13.71 -4.00 0.01
N MET B 11 -15.00 -4.02 -0.28
CA MET B 11 -15.78 -2.83 -0.02
C MET B 11 -16.38 -3.02 1.37
N ASP B 12 -16.35 -4.26 1.86
CA ASP B 12 -16.93 -4.62 3.18
C ASP B 12 -16.02 -4.62 4.41
N ASP B 13 -14.83 -5.23 4.35
CA ASP B 13 -14.03 -5.26 5.58
C ASP B 13 -13.04 -4.15 5.85
N ASP B 14 -13.58 -2.98 6.17
CA ASP B 14 -12.77 -1.81 6.50
C ASP B 14 -12.48 -1.82 8.01
N PHE B 15 -11.27 -1.39 8.38
CA PHE B 15 -10.90 -1.31 9.79
C PHE B 15 -11.13 0.13 10.17
N GLN B 16 -11.78 0.36 11.31
CA GLN B 16 -12.04 1.72 11.75
C GLN B 16 -10.87 2.31 12.53
N LEU B 17 -10.53 3.55 12.20
CA LEU B 17 -9.45 4.26 12.87
C LEU B 17 -9.98 4.96 14.13
MN MN C . -0.91 0.57 -6.53
C1 OGA D . -0.42 -2.24 -5.66
C2 OGA D . 0.83 -1.45 -5.75
C4 OGA D . 3.18 -1.06 -5.20
C5 OGA D . 4.31 -1.73 -4.49
O1 OGA D . -0.45 -3.29 -5.06
O2 OGA D . -1.52 -1.77 -6.26
O2' OGA D . 0.83 -0.40 -6.36
O3 OGA D . 5.48 -1.11 -4.45
N1 OGA D . 1.96 -1.88 -5.14
O4 OGA D . 4.16 -2.80 -3.96
#